data_1TQX
#
_entry.id   1TQX
#
_cell.length_a   79.415
_cell.length_b   84.454
_cell.length_c   120.717
_cell.angle_alpha   90.00
_cell.angle_beta   90.00
_cell.angle_gamma   90.00
#
_symmetry.space_group_name_H-M   'P 21 21 21'
#
loop_
_entity.id
_entity.type
_entity.pdbx_description
1 polymer 'D-ribulose-5-phosphate 3-epimerase, putative'
2 non-polymer 'SULFATE ION'
3 non-polymer 'ZINC ION'
4 water water
#
_entity_poly.entity_id   1
_entity_poly.type   'polypeptide(L)'
_entity_poly.pdbx_seq_one_letter_code
;MGTLKAIIAPSVLASNISKLAEETQRMESLGAEWIHLDVMDMHFVPNLSFGPPVINNLKKYTKSIFFDVHLMVEYPEKYV
PLLKTSNQLTFHFEALNEDTERCIQLAKEIRDNNLWCGISIKPKTDVQKLVPILDTNLINTVLVMTVEPGFGGQSFMHDM
MGKVSFLRKKYKNLNIQVDGGLNIETTEISASHGANIIVAGTSIFNAEDPKYVIDTMRVSVQKYLNN
;
_entity_poly.pdbx_strand_id   A,B
#
loop_
_chem_comp.id
_chem_comp.type
_chem_comp.name
_chem_comp.formula
SO4 non-polymer 'SULFATE ION' 'O4 S -2'
ZN non-polymer 'ZINC ION' 'Zn 2'
#
# COMPACT_ATOMS: atom_id res chain seq x y z
N LEU A 4 -47.24 -15.34 49.17
CA LEU A 4 -46.00 -14.67 48.67
C LEU A 4 -45.01 -14.43 49.81
N LYS A 5 -43.74 -14.67 49.53
CA LYS A 5 -42.69 -14.47 50.53
C LYS A 5 -41.66 -13.48 50.01
N ALA A 6 -40.97 -12.79 50.93
CA ALA A 6 -39.93 -11.84 50.53
C ALA A 6 -38.68 -12.70 50.32
N ILE A 7 -38.16 -12.73 49.10
CA ILE A 7 -37.00 -13.56 48.82
C ILE A 7 -35.81 -12.80 48.24
N ILE A 8 -34.63 -13.01 48.83
CA ILE A 8 -33.43 -12.37 48.34
C ILE A 8 -32.61 -13.45 47.66
N ALA A 9 -32.25 -13.21 46.39
CA ALA A 9 -31.49 -14.18 45.62
C ALA A 9 -30.21 -13.58 45.03
N PRO A 10 -29.10 -13.67 45.76
CA PRO A 10 -27.81 -13.13 45.30
C PRO A 10 -27.40 -13.76 43.97
N SER A 11 -26.95 -12.94 43.04
CA SER A 11 -26.52 -13.43 41.73
C SER A 11 -25.03 -13.71 41.74
N VAL A 12 -24.67 -15.01 41.67
CA VAL A 12 -23.27 -15.43 41.72
C VAL A 12 -22.37 -14.92 40.59
N LEU A 13 -22.98 -14.40 39.54
CA LEU A 13 -22.23 -13.87 38.40
C LEU A 13 -21.30 -12.76 38.90
N ALA A 14 -21.74 -12.05 39.94
CA ALA A 14 -20.98 -10.94 40.51
C ALA A 14 -19.97 -11.34 41.58
N SER A 15 -19.87 -12.63 41.89
CA SER A 15 -18.93 -13.10 42.91
C SER A 15 -17.66 -13.64 42.27
N ASN A 16 -16.80 -14.21 43.10
CA ASN A 16 -15.57 -14.83 42.61
C ASN A 16 -16.02 -16.22 42.20
N ILE A 17 -16.46 -16.34 40.95
CA ILE A 17 -16.99 -17.60 40.43
C ILE A 17 -16.04 -18.79 40.43
N SER A 18 -14.74 -18.55 40.58
CA SER A 18 -13.80 -19.66 40.62
C SER A 18 -13.85 -20.26 42.03
N LYS A 19 -14.68 -19.67 42.89
CA LYS A 19 -14.89 -20.15 44.25
C LYS A 19 -16.40 -20.16 44.47
N LEU A 20 -17.12 -20.67 43.47
CA LEU A 20 -18.58 -20.73 43.48
C LEU A 20 -19.15 -21.38 44.74
N ALA A 21 -18.68 -22.58 45.06
CA ALA A 21 -19.16 -23.29 46.23
C ALA A 21 -18.97 -22.45 47.50
N GLU A 22 -17.80 -21.86 47.66
CA GLU A 22 -17.52 -21.05 48.85
C GLU A 22 -18.44 -19.82 48.94
N GLU A 23 -18.62 -19.14 47.82
CA GLU A 23 -19.47 -17.96 47.77
C GLU A 23 -20.94 -18.29 48.06
N THR A 24 -21.40 -19.43 47.55
CA THR A 24 -22.79 -19.84 47.77
C THR A 24 -23.03 -20.25 49.21
N GLN A 25 -22.06 -20.95 49.80
CA GLN A 25 -22.16 -21.38 51.19
C GLN A 25 -22.21 -20.12 52.05
N ARG A 26 -21.44 -19.11 51.68
CA ARG A 26 -21.40 -17.85 52.40
C ARG A 26 -22.78 -17.20 52.34
N MET A 27 -23.35 -17.10 51.15
CA MET A 27 -24.67 -16.50 51.00
C MET A 27 -25.70 -17.29 51.83
N GLU A 28 -25.54 -18.60 51.84
CA GLU A 28 -26.42 -19.48 52.60
C GLU A 28 -26.29 -19.17 54.09
N SER A 29 -25.07 -19.02 54.57
CA SER A 29 -24.83 -18.73 55.97
C SER A 29 -25.36 -17.36 56.39
N LEU A 30 -25.48 -16.45 55.43
CA LEU A 30 -25.98 -15.10 55.72
C LEU A 30 -27.50 -15.04 55.71
N GLY A 31 -28.15 -16.12 55.29
CA GLY A 31 -29.60 -16.14 55.27
C GLY A 31 -30.29 -15.97 53.94
N ALA A 32 -29.53 -15.91 52.85
CA ALA A 32 -30.14 -15.77 51.53
C ALA A 32 -30.98 -17.04 51.29
N GLU A 33 -32.23 -16.86 50.88
CA GLU A 33 -33.12 -18.00 50.63
C GLU A 33 -32.82 -18.71 49.32
N TRP A 34 -32.49 -17.94 48.29
CA TRP A 34 -32.20 -18.48 46.96
C TRP A 34 -30.79 -18.09 46.50
N ILE A 35 -30.26 -18.83 45.53
CA ILE A 35 -28.98 -18.51 44.94
C ILE A 35 -29.34 -18.41 43.46
N HIS A 36 -29.08 -17.24 42.87
CA HIS A 36 -29.42 -16.99 41.46
C HIS A 36 -28.26 -17.34 40.54
N LEU A 37 -28.49 -18.32 39.67
CA LEU A 37 -27.47 -18.82 38.76
C LEU A 37 -27.71 -18.42 37.29
N ASP A 38 -26.94 -17.46 36.80
CA ASP A 38 -27.08 -17.00 35.42
C ASP A 38 -26.30 -17.83 34.40
N VAL A 39 -27.03 -18.49 33.50
CA VAL A 39 -26.42 -19.31 32.46
C VAL A 39 -26.53 -18.55 31.14
N MET A 40 -25.38 -18.26 30.52
CA MET A 40 -25.30 -17.51 29.27
C MET A 40 -24.49 -18.32 28.26
N ASP A 41 -24.96 -18.37 27.00
CA ASP A 41 -24.29 -19.19 25.98
C ASP A 41 -23.59 -18.48 24.83
N MET A 42 -23.29 -17.19 25.00
CA MET A 42 -22.62 -16.40 23.97
C MET A 42 -23.45 -16.28 22.69
N HIS A 43 -24.70 -16.72 22.74
CA HIS A 43 -25.59 -16.60 21.58
C HIS A 43 -26.82 -15.78 21.92
N PHE A 44 -27.57 -16.19 22.95
CA PHE A 44 -28.76 -15.43 23.33
C PHE A 44 -28.34 -14.07 23.89
N VAL A 45 -27.17 -14.05 24.54
CA VAL A 45 -26.58 -12.83 25.08
C VAL A 45 -25.09 -12.94 24.75
N PRO A 46 -24.39 -11.80 24.57
CA PRO A 46 -22.96 -11.81 24.25
C PRO A 46 -22.01 -12.08 25.41
N ASN A 47 -22.24 -13.17 26.12
CA ASN A 47 -21.41 -13.55 27.27
C ASN A 47 -21.58 -15.04 27.52
N LEU A 48 -20.51 -15.70 27.98
CA LEU A 48 -20.56 -17.13 28.31
C LEU A 48 -20.17 -17.24 29.77
N SER A 49 -21.12 -17.63 30.62
CA SER A 49 -20.86 -17.74 32.05
C SER A 49 -20.45 -19.14 32.51
N PHE A 50 -21.44 -19.98 32.81
CA PHE A 50 -21.19 -21.37 33.24
C PHE A 50 -22.47 -22.17 33.02
N GLY A 51 -22.35 -23.49 32.91
CA GLY A 51 -23.53 -24.30 32.66
C GLY A 51 -23.83 -25.42 33.64
N PRO A 52 -24.69 -26.38 33.24
CA PRO A 52 -25.09 -27.52 34.08
C PRO A 52 -23.97 -28.24 34.82
N PRO A 53 -22.82 -28.49 34.15
CA PRO A 53 -21.73 -29.18 34.86
C PRO A 53 -21.31 -28.45 36.13
N VAL A 54 -21.25 -27.13 36.05
CA VAL A 54 -20.86 -26.32 37.20
C VAL A 54 -21.97 -26.31 38.26
N ILE A 55 -23.20 -26.08 37.81
CA ILE A 55 -24.33 -26.04 38.73
C ILE A 55 -24.58 -27.39 39.42
N ASN A 56 -24.46 -28.48 38.66
CA ASN A 56 -24.68 -29.82 39.23
C ASN A 56 -23.63 -30.14 40.29
N ASN A 57 -22.40 -29.67 40.10
CA ASN A 57 -21.32 -29.90 41.04
C ASN A 57 -21.54 -29.05 42.30
N LEU A 58 -21.99 -27.82 42.11
CA LEU A 58 -22.26 -26.91 43.23
C LEU A 58 -23.25 -27.54 44.23
N LYS A 59 -24.26 -28.21 43.71
CA LYS A 59 -25.29 -28.83 44.56
C LYS A 59 -24.71 -29.79 45.59
N LYS A 60 -23.53 -30.34 45.30
CA LYS A 60 -22.87 -31.26 46.21
C LYS A 60 -22.42 -30.57 47.50
N TYR A 61 -22.21 -29.26 47.44
CA TYR A 61 -21.72 -28.52 48.61
C TYR A 61 -22.68 -27.58 49.31
N THR A 62 -23.93 -27.53 48.86
CA THR A 62 -24.91 -26.64 49.48
C THR A 62 -25.85 -27.42 50.37
N LYS A 63 -26.67 -26.70 51.13
CA LYS A 63 -27.62 -27.34 52.02
C LYS A 63 -29.06 -27.03 51.64
N SER A 64 -29.65 -26.05 52.30
CA SER A 64 -31.05 -25.70 52.03
C SER A 64 -31.28 -24.66 50.93
N ILE A 65 -30.25 -23.92 50.53
CA ILE A 65 -30.47 -22.88 49.53
C ILE A 65 -31.10 -23.36 48.21
N PHE A 66 -32.12 -22.62 47.78
CA PHE A 66 -32.92 -22.88 46.58
C PHE A 66 -32.14 -22.52 45.30
N PHE A 67 -32.05 -23.46 44.37
CA PHE A 67 -31.32 -23.23 43.12
C PHE A 67 -32.20 -22.58 42.06
N ASP A 68 -31.98 -21.29 41.83
CA ASP A 68 -32.76 -20.52 40.86
C ASP A 68 -31.90 -20.26 39.62
N VAL A 69 -32.17 -21.03 38.56
CA VAL A 69 -31.41 -20.93 37.31
C VAL A 69 -32.06 -20.07 36.25
N HIS A 70 -31.37 -19.01 35.84
CA HIS A 70 -31.85 -18.11 34.81
C HIS A 70 -31.16 -18.50 33.51
N LEU A 71 -31.92 -19.12 32.60
CA LEU A 71 -31.39 -19.56 31.32
C LEU A 71 -31.42 -18.50 30.24
N MET A 72 -30.34 -17.74 30.12
CA MET A 72 -30.24 -16.73 29.07
C MET A 72 -29.53 -17.45 27.93
N VAL A 73 -30.22 -18.41 27.34
CA VAL A 73 -29.66 -19.24 26.28
C VAL A 73 -30.66 -19.55 25.19
N GLU A 74 -30.16 -20.00 24.04
CA GLU A 74 -31.01 -20.43 22.95
C GLU A 74 -31.29 -21.89 23.30
N TYR A 75 -32.41 -22.43 22.80
CA TYR A 75 -32.76 -23.83 23.04
C TYR A 75 -32.81 -24.19 24.53
N PRO A 76 -33.52 -23.40 25.35
CA PRO A 76 -33.59 -23.72 26.77
C PRO A 76 -34.12 -25.12 27.10
N GLU A 77 -34.90 -25.68 26.17
CA GLU A 77 -35.45 -27.03 26.36
C GLU A 77 -34.34 -28.06 26.59
N LYS A 78 -33.18 -27.84 25.96
CA LYS A 78 -32.05 -28.77 26.09
C LYS A 78 -31.44 -28.81 27.49
N TYR A 79 -31.68 -27.76 28.27
CA TYR A 79 -31.12 -27.68 29.60
C TYR A 79 -31.94 -28.35 30.71
N VAL A 80 -33.22 -28.59 30.46
CA VAL A 80 -34.06 -29.21 31.48
C VAL A 80 -33.56 -30.56 32.01
N PRO A 81 -33.25 -31.51 31.11
CA PRO A 81 -32.78 -32.80 31.62
C PRO A 81 -31.41 -32.73 32.30
N LEU A 82 -30.70 -31.64 32.07
CA LEU A 82 -29.36 -31.46 32.65
C LEU A 82 -29.37 -30.75 34.01
N LEU A 83 -30.53 -30.29 34.45
CA LEU A 83 -30.61 -29.56 35.71
C LEU A 83 -31.72 -30.07 36.63
N LYS A 84 -31.89 -31.38 36.66
CA LYS A 84 -32.93 -31.99 37.48
C LYS A 84 -32.78 -31.73 38.99
N THR A 85 -31.56 -31.48 39.45
CA THR A 85 -31.36 -31.25 40.87
C THR A 85 -31.56 -29.79 41.30
N SER A 86 -31.84 -28.89 40.34
CA SER A 86 -32.08 -27.49 40.68
C SER A 86 -33.51 -27.32 41.17
N ASN A 87 -33.93 -26.08 41.46
CA ASN A 87 -35.28 -25.84 41.97
C ASN A 87 -36.22 -25.10 41.03
N GLN A 88 -35.70 -24.10 40.32
CA GLN A 88 -36.49 -23.38 39.34
C GLN A 88 -35.68 -23.11 38.11
N LEU A 89 -36.30 -23.28 36.95
CA LEU A 89 -35.66 -23.03 35.68
C LEU A 89 -36.45 -21.90 35.03
N THR A 90 -35.77 -20.81 34.72
CA THR A 90 -36.41 -19.65 34.10
C THR A 90 -35.87 -19.47 32.69
N PHE A 91 -36.75 -19.54 31.69
CA PHE A 91 -36.30 -19.36 30.31
C PHE A 91 -36.85 -18.05 29.76
N HIS A 92 -36.29 -17.59 28.65
CA HIS A 92 -36.72 -16.34 28.06
C HIS A 92 -37.84 -16.47 27.03
N PHE A 93 -38.84 -15.60 27.16
CA PHE A 93 -39.98 -15.55 26.26
C PHE A 93 -39.42 -15.37 24.85
N GLU A 94 -38.37 -14.56 24.74
CA GLU A 94 -37.74 -14.28 23.45
C GLU A 94 -36.98 -15.46 22.86
N ALA A 95 -36.50 -16.35 23.72
CA ALA A 95 -35.75 -17.51 23.25
C ALA A 95 -36.65 -18.44 22.43
N LEU A 96 -37.95 -18.39 22.70
CA LEU A 96 -38.92 -19.21 21.98
C LEU A 96 -39.73 -18.36 20.99
N ASN A 97 -39.07 -17.33 20.46
CA ASN A 97 -39.70 -16.44 19.48
C ASN A 97 -41.03 -15.84 19.91
N GLU A 98 -41.18 -15.60 21.21
CA GLU A 98 -42.38 -15.00 21.75
C GLU A 98 -43.71 -15.66 21.37
N ASP A 99 -43.71 -16.97 21.15
CA ASP A 99 -44.98 -17.58 20.83
C ASP A 99 -45.49 -18.41 22.01
N THR A 100 -46.67 -18.02 22.47
CA THR A 100 -47.36 -18.63 23.61
C THR A 100 -47.42 -20.14 23.65
N GLU A 101 -47.80 -20.78 22.55
CA GLU A 101 -47.92 -22.23 22.52
C GLU A 101 -46.60 -22.93 22.86
N ARG A 102 -45.50 -22.47 22.29
CA ARG A 102 -44.21 -23.08 22.57
C ARG A 102 -43.81 -22.89 24.02
N CYS A 103 -44.11 -21.72 24.57
CA CYS A 103 -43.79 -21.43 25.95
C CYS A 103 -44.63 -22.28 26.89
N ILE A 104 -45.90 -22.45 26.56
CA ILE A 104 -46.78 -23.27 27.38
C ILE A 104 -46.27 -24.71 27.43
N GLN A 105 -45.82 -25.24 26.29
CA GLN A 105 -45.31 -26.60 26.23
C GLN A 105 -44.04 -26.80 27.07
N LEU A 106 -43.12 -25.84 27.01
CA LEU A 106 -41.88 -25.94 27.78
C LEU A 106 -42.21 -25.88 29.27
N ALA A 107 -43.11 -24.97 29.63
CA ALA A 107 -43.51 -24.81 31.03
C ALA A 107 -44.09 -26.11 31.55
N LYS A 108 -44.92 -26.77 30.73
CA LYS A 108 -45.53 -28.04 31.12
C LYS A 108 -44.44 -29.06 31.42
N GLU A 109 -43.43 -29.12 30.55
CA GLU A 109 -42.32 -30.05 30.72
C GLU A 109 -41.53 -29.76 31.99
N ILE A 110 -41.25 -28.48 32.22
CA ILE A 110 -40.50 -28.10 33.41
C ILE A 110 -41.28 -28.50 34.67
N ARG A 111 -42.58 -28.21 34.68
CA ARG A 111 -43.40 -28.57 35.84
C ARG A 111 -43.47 -30.09 35.99
N ASP A 112 -43.47 -30.82 34.87
CA ASP A 112 -43.53 -32.28 34.94
C ASP A 112 -42.21 -32.89 35.44
N ASN A 113 -41.20 -32.05 35.63
CA ASN A 113 -39.92 -32.50 36.17
C ASN A 113 -39.87 -32.10 37.65
N ASN A 114 -41.05 -31.71 38.17
CA ASN A 114 -41.19 -31.28 39.55
C ASN A 114 -40.30 -30.10 39.88
N LEU A 115 -40.27 -29.14 38.97
CA LEU A 115 -39.46 -27.94 39.12
C LEU A 115 -40.36 -26.73 38.98
N TRP A 116 -39.97 -25.62 39.61
CA TRP A 116 -40.72 -24.37 39.46
C TRP A 116 -40.35 -23.87 38.07
N CYS A 117 -41.27 -23.15 37.42
CA CYS A 117 -40.99 -22.62 36.09
C CYS A 117 -41.09 -21.10 36.08
N GLY A 118 -40.04 -20.47 35.58
CA GLY A 118 -40.06 -19.03 35.48
C GLY A 118 -39.93 -18.63 34.02
N ILE A 119 -40.41 -17.44 33.69
CA ILE A 119 -40.29 -16.96 32.32
C ILE A 119 -39.82 -15.51 32.44
N SER A 120 -38.85 -15.14 31.61
CA SER A 120 -38.30 -13.80 31.65
C SER A 120 -38.53 -12.99 30.37
N ILE A 121 -38.60 -11.68 30.54
CA ILE A 121 -38.77 -10.76 29.43
C ILE A 121 -37.73 -9.65 29.52
N LYS A 122 -37.13 -9.30 28.39
CA LYS A 122 -36.12 -8.25 28.34
C LYS A 122 -36.79 -6.87 28.36
N PRO A 123 -36.01 -5.81 28.64
CA PRO A 123 -36.54 -4.45 28.70
C PRO A 123 -37.50 -4.02 27.59
N LYS A 124 -37.15 -4.30 26.34
CA LYS A 124 -37.99 -3.90 25.21
C LYS A 124 -39.20 -4.79 24.92
N THR A 125 -39.38 -5.87 25.68
CA THR A 125 -40.51 -6.77 25.45
C THR A 125 -41.75 -6.37 26.28
N ASP A 126 -42.89 -6.28 25.60
CA ASP A 126 -44.16 -5.90 26.21
C ASP A 126 -44.70 -6.98 27.16
N VAL A 127 -44.89 -6.64 28.43
CA VAL A 127 -45.42 -7.58 29.43
C VAL A 127 -46.75 -8.22 29.09
N GLN A 128 -47.63 -7.47 28.45
CA GLN A 128 -48.96 -7.98 28.12
C GLN A 128 -48.92 -9.21 27.22
N LYS A 129 -47.82 -9.40 26.52
CA LYS A 129 -47.70 -10.56 25.63
C LYS A 129 -47.63 -11.86 26.44
N LEU A 130 -47.36 -11.75 27.74
CA LEU A 130 -47.26 -12.93 28.60
C LEU A 130 -48.60 -13.43 29.15
N VAL A 131 -49.63 -12.59 29.08
CA VAL A 131 -50.94 -12.95 29.61
C VAL A 131 -51.44 -14.36 29.25
N PRO A 132 -51.43 -14.73 27.96
CA PRO A 132 -51.91 -16.07 27.60
C PRO A 132 -51.18 -17.18 28.36
N ILE A 133 -49.88 -17.03 28.54
CA ILE A 133 -49.10 -18.03 29.24
C ILE A 133 -49.37 -18.00 30.74
N LEU A 134 -49.37 -16.80 31.30
CA LEU A 134 -49.60 -16.63 32.73
C LEU A 134 -50.97 -17.10 33.17
N ASP A 135 -51.95 -17.00 32.29
CA ASP A 135 -53.31 -17.41 32.64
C ASP A 135 -53.45 -18.92 32.83
N THR A 136 -52.49 -19.69 32.34
CA THR A 136 -52.53 -21.15 32.46
C THR A 136 -52.12 -21.60 33.87
N ASN A 137 -51.55 -20.69 34.64
CA ASN A 137 -51.10 -20.99 36.00
C ASN A 137 -49.86 -21.89 36.06
N LEU A 138 -49.24 -22.13 34.92
CA LEU A 138 -48.05 -22.98 34.85
C LEU A 138 -46.78 -22.25 35.30
N ILE A 139 -46.82 -20.92 35.29
CA ILE A 139 -45.65 -20.11 35.65
C ILE A 139 -45.62 -19.72 37.12
N ASN A 140 -44.54 -20.09 37.80
CA ASN A 140 -44.37 -19.76 39.21
C ASN A 140 -43.79 -18.35 39.39
N THR A 141 -42.95 -17.94 38.45
CA THR A 141 -42.27 -16.65 38.54
C THR A 141 -42.07 -15.97 37.20
N VAL A 142 -42.21 -14.64 37.19
CA VAL A 142 -41.94 -13.86 36.00
C VAL A 142 -40.74 -13.00 36.38
N LEU A 143 -39.66 -13.12 35.60
CA LEU A 143 -38.46 -12.35 35.87
C LEU A 143 -38.42 -11.13 34.95
N VAL A 144 -38.69 -9.96 35.53
CA VAL A 144 -38.68 -8.71 34.79
C VAL A 144 -37.26 -8.15 34.80
N MET A 145 -36.59 -8.20 33.64
CA MET A 145 -35.24 -7.67 33.56
C MET A 145 -35.32 -6.15 33.72
N THR A 146 -34.51 -5.61 34.63
CA THR A 146 -34.50 -4.16 34.84
C THR A 146 -33.23 -3.58 34.22
N VAL A 147 -32.58 -4.39 33.40
CA VAL A 147 -31.38 -4.00 32.68
C VAL A 147 -31.25 -4.89 31.45
N GLU A 148 -30.46 -4.46 30.46
CA GLU A 148 -30.25 -5.26 29.25
C GLU A 148 -29.40 -6.45 29.70
N PRO A 149 -29.97 -7.67 29.63
CA PRO A 149 -29.25 -8.88 30.04
C PRO A 149 -27.92 -9.19 29.37
N GLY A 150 -27.01 -9.76 30.14
CA GLY A 150 -25.70 -10.12 29.62
C GLY A 150 -24.57 -9.79 30.58
N PHE A 151 -24.69 -8.66 31.26
CA PHE A 151 -23.65 -8.23 32.19
C PHE A 151 -24.19 -7.59 33.47
N GLY A 152 -23.39 -7.67 34.52
CA GLY A 152 -23.78 -7.07 35.78
C GLY A 152 -23.16 -5.68 35.84
N GLY A 153 -23.43 -4.93 36.90
CA GLY A 153 -22.86 -3.60 37.03
C GLY A 153 -23.59 -2.47 36.31
N GLN A 154 -24.65 -2.80 35.55
CA GLN A 154 -25.40 -1.77 34.83
C GLN A 154 -26.43 -1.09 35.74
N SER A 155 -26.99 0.02 35.28
CA SER A 155 -27.96 0.77 36.08
C SER A 155 -29.42 0.35 35.95
N PHE A 156 -30.09 0.32 37.10
CA PHE A 156 -31.51 -0.04 37.22
C PHE A 156 -32.38 0.85 36.33
N MET A 157 -33.23 0.23 35.52
CA MET A 157 -34.13 0.98 34.65
C MET A 157 -35.47 1.18 35.36
N HIS A 158 -35.67 2.38 35.89
CA HIS A 158 -36.89 2.69 36.62
C HIS A 158 -38.14 2.59 35.75
N ASP A 159 -37.98 2.74 34.44
CA ASP A 159 -39.12 2.67 33.53
C ASP A 159 -39.69 1.26 33.37
N MET A 160 -39.09 0.28 34.03
CA MET A 160 -39.58 -1.10 33.95
C MET A 160 -40.60 -1.36 35.07
N MET A 161 -40.74 -0.41 35.98
CA MET A 161 -41.67 -0.59 37.09
C MET A 161 -43.12 -0.73 36.67
N GLY A 162 -43.44 -0.22 35.49
CA GLY A 162 -44.81 -0.33 34.99
C GLY A 162 -45.15 -1.79 34.77
N LYS A 163 -44.18 -2.57 34.31
CA LYS A 163 -44.40 -3.99 34.07
C LYS A 163 -44.69 -4.70 35.38
N VAL A 164 -43.93 -4.35 36.42
CA VAL A 164 -44.10 -4.94 37.74
C VAL A 164 -45.50 -4.66 38.29
N SER A 165 -45.95 -3.40 38.22
CA SER A 165 -47.29 -3.06 38.72
C SER A 165 -48.38 -3.80 37.96
N PHE A 166 -48.22 -3.88 36.64
CA PHE A 166 -49.19 -4.59 35.80
C PHE A 166 -49.37 -6.04 36.29
N LEU A 167 -48.26 -6.75 36.45
CA LEU A 167 -48.30 -8.14 36.90
C LEU A 167 -48.88 -8.34 38.29
N ARG A 168 -48.45 -7.54 39.25
CA ARG A 168 -48.97 -7.69 40.62
C ARG A 168 -50.47 -7.43 40.68
N LYS A 169 -50.94 -6.45 39.94
CA LYS A 169 -52.36 -6.10 39.94
C LYS A 169 -53.23 -7.21 39.34
N LYS A 170 -52.73 -7.83 38.27
CA LYS A 170 -53.47 -8.88 37.58
C LYS A 170 -53.31 -10.26 38.21
N TYR A 171 -52.14 -10.54 38.78
CA TYR A 171 -51.88 -11.83 39.40
C TYR A 171 -51.34 -11.65 40.81
N LYS A 172 -52.22 -11.68 41.80
CA LYS A 172 -51.80 -11.48 43.18
C LYS A 172 -50.89 -12.55 43.80
N ASN A 173 -50.95 -13.78 43.30
CA ASN A 173 -50.12 -14.85 43.85
C ASN A 173 -48.88 -15.16 43.02
N LEU A 174 -48.69 -14.43 41.94
CA LEU A 174 -47.54 -14.64 41.08
C LEU A 174 -46.26 -14.07 41.68
N ASN A 175 -45.19 -14.85 41.64
CA ASN A 175 -43.90 -14.38 42.15
C ASN A 175 -43.35 -13.44 41.07
N ILE A 176 -42.98 -12.23 41.47
CA ILE A 176 -42.42 -11.26 40.53
C ILE A 176 -40.99 -10.98 40.95
N GLN A 177 -40.07 -11.30 40.04
CA GLN A 177 -38.65 -11.17 40.29
C GLN A 177 -38.05 -10.04 39.44
N VAL A 178 -37.16 -9.26 40.03
CA VAL A 178 -36.51 -8.15 39.32
C VAL A 178 -35.02 -8.47 39.29
N ASP A 179 -34.37 -8.13 38.19
CA ASP A 179 -32.98 -8.49 38.02
C ASP A 179 -32.23 -7.47 37.18
N GLY A 180 -31.22 -6.83 37.76
CA GLY A 180 -30.44 -5.83 37.04
C GLY A 180 -30.37 -4.50 37.77
N GLY A 181 -29.24 -4.26 38.43
CA GLY A 181 -29.05 -3.01 39.14
C GLY A 181 -29.79 -2.86 40.46
N LEU A 182 -30.16 -3.97 41.08
CA LEU A 182 -30.86 -3.90 42.37
C LEU A 182 -29.91 -3.59 43.52
N ASN A 183 -30.27 -2.57 44.30
CA ASN A 183 -29.51 -2.19 45.47
C ASN A 183 -30.53 -1.84 46.54
N ILE A 184 -30.12 -1.32 47.69
CA ILE A 184 -31.09 -1.02 48.73
C ILE A 184 -32.22 -0.10 48.26
N GLU A 185 -31.88 0.98 47.57
CA GLU A 185 -32.89 1.92 47.09
C GLU A 185 -33.80 1.40 45.98
N THR A 186 -33.23 0.70 45.00
CA THR A 186 -34.05 0.19 43.91
C THR A 186 -34.84 -1.05 44.31
N THR A 187 -34.46 -1.66 45.43
CA THR A 187 -35.20 -2.82 45.93
C THR A 187 -36.50 -2.26 46.54
N GLU A 188 -36.37 -1.16 47.27
CA GLU A 188 -37.55 -0.55 47.89
C GLU A 188 -38.50 -0.10 46.78
N ILE A 189 -37.95 0.49 45.72
CA ILE A 189 -38.77 0.94 44.60
C ILE A 189 -39.46 -0.24 43.94
N SER A 190 -38.71 -1.32 43.70
CA SER A 190 -39.29 -2.50 43.06
C SER A 190 -40.40 -3.12 43.90
N ALA A 191 -40.16 -3.23 45.20
CA ALA A 191 -41.16 -3.82 46.09
C ALA A 191 -42.43 -2.97 46.16
N SER A 192 -42.29 -1.65 46.06
CA SER A 192 -43.45 -0.76 46.13
C SER A 192 -44.37 -0.97 44.93
N HIS A 193 -43.82 -1.53 43.86
CA HIS A 193 -44.59 -1.79 42.65
C HIS A 193 -45.13 -3.23 42.60
N GLY A 194 -44.66 -4.09 43.51
CA GLY A 194 -45.15 -5.46 43.53
C GLY A 194 -44.12 -6.58 43.51
N ALA A 195 -42.84 -6.27 43.33
CA ALA A 195 -41.82 -7.30 43.29
C ALA A 195 -41.63 -7.94 44.66
N ASN A 196 -41.45 -9.27 44.70
CA ASN A 196 -41.25 -9.96 45.96
C ASN A 196 -39.96 -10.80 45.99
N ILE A 197 -39.32 -10.95 44.84
CA ILE A 197 -38.07 -11.70 44.75
C ILE A 197 -37.04 -10.75 44.18
N ILE A 198 -35.93 -10.58 44.89
CA ILE A 198 -34.89 -9.64 44.49
C ILE A 198 -33.58 -10.29 44.10
N VAL A 199 -33.17 -10.12 42.84
CA VAL A 199 -31.89 -10.64 42.40
C VAL A 199 -30.89 -9.49 42.47
N ALA A 200 -29.82 -9.67 43.24
CA ALA A 200 -28.82 -8.63 43.38
C ALA A 200 -27.43 -9.22 43.27
N GLY A 201 -26.58 -8.61 42.46
CA GLY A 201 -25.24 -9.11 42.30
C GLY A 201 -24.21 -8.20 42.96
N THR A 202 -23.83 -7.16 42.24
CA THR A 202 -22.84 -6.21 42.72
C THR A 202 -23.11 -5.66 44.12
N SER A 203 -24.34 -5.23 44.37
CA SER A 203 -24.71 -4.64 45.66
C SER A 203 -24.54 -5.55 46.86
N ILE A 204 -24.50 -6.87 46.63
CA ILE A 204 -24.32 -7.80 47.72
C ILE A 204 -22.88 -8.31 47.79
N PHE A 205 -22.35 -8.80 46.67
CA PHE A 205 -20.99 -9.31 46.66
C PHE A 205 -19.88 -8.27 46.80
N ASN A 206 -20.21 -7.00 46.61
CA ASN A 206 -19.21 -5.95 46.76
C ASN A 206 -19.58 -5.06 47.95
N ALA A 207 -20.52 -5.52 48.75
CA ALA A 207 -20.98 -4.77 49.91
C ALA A 207 -19.95 -4.77 51.03
N GLU A 208 -20.00 -3.73 51.86
CA GLU A 208 -19.11 -3.62 53.00
C GLU A 208 -19.66 -4.55 54.09
N ASP A 209 -20.98 -4.69 54.13
CA ASP A 209 -21.64 -5.55 55.11
C ASP A 209 -22.76 -6.29 54.37
N PRO A 210 -22.44 -7.43 53.73
CA PRO A 210 -23.39 -8.25 52.97
C PRO A 210 -24.70 -8.58 53.70
N LYS A 211 -24.61 -9.02 54.95
CA LYS A 211 -25.80 -9.38 55.69
C LYS A 211 -26.69 -8.17 55.91
N TYR A 212 -26.08 -7.02 56.16
CA TYR A 212 -26.85 -5.78 56.35
C TYR A 212 -27.67 -5.48 55.11
N VAL A 213 -27.04 -5.57 53.93
CA VAL A 213 -27.73 -5.30 52.68
C VAL A 213 -28.87 -6.29 52.45
N ILE A 214 -28.60 -7.57 52.64
CA ILE A 214 -29.61 -8.61 52.47
C ILE A 214 -30.82 -8.41 53.38
N ASP A 215 -30.57 -8.20 54.68
CA ASP A 215 -31.67 -8.00 55.63
C ASP A 215 -32.46 -6.73 55.32
N THR A 216 -31.75 -5.66 55.01
CA THR A 216 -32.41 -4.39 54.71
C THR A 216 -33.33 -4.58 53.52
N MET A 217 -32.85 -5.28 52.50
CA MET A 217 -33.64 -5.53 51.30
C MET A 217 -34.89 -6.36 51.63
N ARG A 218 -34.72 -7.42 52.41
CA ARG A 218 -35.85 -8.28 52.72
C ARG A 218 -36.93 -7.54 53.50
N VAL A 219 -36.53 -6.78 54.52
CA VAL A 219 -37.51 -6.04 55.30
C VAL A 219 -38.30 -5.08 54.42
N SER A 220 -37.62 -4.39 53.51
CA SER A 220 -38.27 -3.44 52.63
C SER A 220 -39.30 -4.12 51.73
N VAL A 221 -39.05 -5.37 51.34
CA VAL A 221 -40.00 -6.09 50.50
C VAL A 221 -41.17 -6.53 51.37
N GLN A 222 -40.87 -7.07 52.55
CA GLN A 222 -41.90 -7.55 53.47
C GLN A 222 -42.90 -6.45 53.84
N LYS A 223 -42.44 -5.21 53.93
CA LYS A 223 -43.33 -4.10 54.26
C LYS A 223 -44.50 -4.01 53.29
N TYR A 224 -44.24 -4.33 52.02
CA TYR A 224 -45.29 -4.28 51.00
C TYR A 224 -46.02 -5.62 50.84
N LEU B 4 42.50 10.47 -52.55
CA LEU B 4 41.77 11.50 -51.75
C LEU B 4 40.63 12.12 -52.55
N LYS B 5 39.48 12.29 -51.89
CA LYS B 5 38.32 12.89 -52.53
C LYS B 5 37.88 14.13 -51.77
N ALA B 6 37.26 15.08 -52.47
CA ALA B 6 36.77 16.29 -51.82
C ALA B 6 35.40 15.93 -51.25
N ILE B 7 35.28 15.97 -49.94
CA ILE B 7 34.04 15.61 -49.27
C ILE B 7 33.46 16.70 -48.37
N ILE B 8 32.18 16.99 -48.55
CA ILE B 8 31.49 17.98 -47.72
C ILE B 8 30.59 17.17 -46.80
N ALA B 9 30.69 17.41 -45.49
CA ALA B 9 29.91 16.67 -44.51
C ALA B 9 29.15 17.59 -43.56
N PRO B 10 27.91 17.97 -43.93
CA PRO B 10 27.10 18.85 -43.10
C PRO B 10 26.91 18.32 -41.68
N SER B 11 27.02 19.21 -40.70
CA SER B 11 26.86 18.82 -39.30
C SER B 11 25.40 19.02 -38.86
N VAL B 12 24.67 17.92 -38.70
CA VAL B 12 23.25 17.97 -38.31
C VAL B 12 23.00 18.67 -36.98
N LEU B 13 24.05 18.83 -36.19
CA LEU B 13 23.95 19.48 -34.90
C LEU B 13 23.37 20.89 -35.07
N ALA B 14 23.72 21.52 -36.18
CA ALA B 14 23.27 22.88 -36.47
C ALA B 14 21.91 22.96 -37.18
N SER B 15 21.31 21.80 -37.45
CA SER B 15 20.01 21.81 -38.15
C SER B 15 18.86 21.72 -37.15
N ASN B 16 17.66 21.52 -37.67
CA ASN B 16 16.49 21.35 -36.81
C ASN B 16 16.54 19.86 -36.45
N ILE B 17 17.30 19.54 -35.41
CA ILE B 17 17.50 18.15 -34.98
C ILE B 17 16.28 17.35 -34.59
N SER B 18 15.14 18.01 -34.37
CA SER B 18 13.94 17.26 -34.03
C SER B 18 13.34 16.71 -35.33
N LYS B 19 13.99 17.04 -36.45
CA LYS B 19 13.57 16.55 -37.77
C LYS B 19 14.84 16.05 -38.48
N LEU B 20 15.60 15.22 -37.77
CA LEU B 20 16.86 14.68 -38.25
C LEU B 20 16.73 13.95 -39.60
N ALA B 21 15.76 13.06 -39.70
CA ALA B 21 15.55 12.31 -40.93
C ALA B 21 15.33 13.25 -42.12
N GLU B 22 14.44 14.22 -41.94
CA GLU B 22 14.15 15.18 -43.01
C GLU B 22 15.40 15.98 -43.37
N GLU B 23 16.08 16.48 -42.36
CA GLU B 23 17.28 17.28 -42.60
C GLU B 23 18.38 16.48 -43.28
N THR B 24 18.51 15.21 -42.92
CA THR B 24 19.53 14.38 -43.53
C THR B 24 19.15 14.03 -44.98
N GLN B 25 17.88 13.79 -45.24
CA GLN B 25 17.42 13.49 -46.59
C GLN B 25 17.63 14.71 -47.48
N ARG B 26 17.43 15.89 -46.90
CA ARG B 26 17.60 17.16 -47.59
C ARG B 26 19.07 17.33 -48.03
N MET B 27 20.00 17.05 -47.11
CA MET B 27 21.42 17.15 -47.43
C MET B 27 21.80 16.15 -48.52
N GLU B 28 21.24 14.95 -48.40
CA GLU B 28 21.47 13.88 -49.35
C GLU B 28 21.03 14.33 -50.75
N SER B 29 19.82 14.90 -50.84
CA SER B 29 19.31 15.36 -52.14
C SER B 29 20.10 16.53 -52.70
N LEU B 30 20.80 17.27 -51.85
CA LEU B 30 21.60 18.40 -52.30
C LEU B 30 22.97 17.94 -52.79
N GLY B 31 23.28 16.66 -52.61
CA GLY B 31 24.56 16.14 -53.06
C GLY B 31 25.66 16.01 -52.02
N ALA B 32 25.35 16.29 -50.75
CA ALA B 32 26.37 16.15 -49.71
C ALA B 32 26.73 14.67 -49.66
N GLU B 33 28.02 14.35 -49.64
CA GLU B 33 28.48 12.97 -49.62
C GLU B 33 28.38 12.27 -48.26
N TRP B 34 28.65 13.02 -47.21
CA TRP B 34 28.63 12.49 -45.84
C TRP B 34 27.66 13.27 -44.99
N ILE B 35 27.17 12.67 -43.91
CA ILE B 35 26.33 13.39 -42.98
C ILE B 35 27.13 13.28 -41.69
N HIS B 36 27.45 14.42 -41.09
CA HIS B 36 28.26 14.44 -39.87
C HIS B 36 27.39 14.42 -38.63
N LEU B 37 27.51 13.36 -37.84
CA LEU B 37 26.72 13.17 -36.62
C LEU B 37 27.54 13.33 -35.33
N ASP B 38 27.34 14.45 -34.64
CA ASP B 38 28.03 14.75 -33.39
C ASP B 38 27.35 14.15 -32.16
N VAL B 39 28.05 13.20 -31.52
CA VAL B 39 27.55 12.53 -30.32
C VAL B 39 28.27 13.12 -29.10
N MET B 40 27.51 13.66 -28.15
CA MET B 40 28.07 14.29 -26.95
C MET B 40 27.37 13.76 -25.71
N ASP B 41 28.13 13.54 -24.63
CA ASP B 41 27.57 12.97 -23.40
C ASP B 41 27.56 13.86 -22.14
N MET B 42 27.73 15.16 -22.33
CA MET B 42 27.73 16.12 -21.22
C MET B 42 28.94 15.93 -20.28
N HIS B 43 29.82 14.99 -20.62
CA HIS B 43 31.01 14.77 -19.80
C HIS B 43 32.30 15.13 -20.53
N PHE B 44 32.53 14.52 -21.69
CA PHE B 44 33.72 14.83 -22.46
C PHE B 44 33.65 16.29 -22.94
N VAL B 45 32.43 16.74 -23.24
CA VAL B 45 32.16 18.12 -23.66
C VAL B 45 30.92 18.56 -22.88
N PRO B 46 30.77 19.86 -22.63
CA PRO B 46 29.60 20.35 -21.88
C PRO B 46 28.31 20.45 -22.67
N ASN B 47 27.97 19.38 -23.39
CA ASN B 47 26.73 19.38 -24.19
C ASN B 47 26.31 17.91 -24.37
N LEU B 48 25.01 17.69 -24.52
CA LEU B 48 24.49 16.33 -24.75
C LEU B 48 23.58 16.44 -25.97
N SER B 49 23.98 15.82 -27.06
CA SER B 49 23.22 15.89 -28.31
C SER B 49 22.27 14.72 -28.51
N PHE B 50 22.78 13.60 -29.01
CA PHE B 50 21.98 12.40 -29.22
C PHE B 50 22.92 11.20 -29.34
N GLY B 51 22.39 10.00 -29.10
CA GLY B 51 23.23 8.81 -29.15
C GLY B 51 22.85 7.75 -30.17
N PRO B 52 23.41 6.53 -30.04
CA PRO B 52 23.14 5.42 -30.96
C PRO B 52 21.67 5.17 -31.30
N PRO B 53 20.77 5.22 -30.31
CA PRO B 53 19.35 4.98 -30.62
C PRO B 53 18.80 5.93 -31.69
N VAL B 54 19.28 7.17 -31.68
CA VAL B 54 18.83 8.17 -32.65
C VAL B 54 19.47 7.89 -34.02
N ILE B 55 20.78 7.66 -34.00
CA ILE B 55 21.52 7.37 -35.23
C ILE B 55 21.03 6.09 -35.89
N ASN B 56 20.82 5.06 -35.08
CA ASN B 56 20.33 3.79 -35.62
C ASN B 56 18.95 3.94 -36.27
N ASN B 57 18.13 4.81 -35.72
CA ASN B 57 16.79 5.03 -36.25
C ASN B 57 16.85 5.80 -37.56
N LEU B 58 17.75 6.78 -37.62
CA LEU B 58 17.95 7.62 -38.80
C LEU B 58 18.30 6.79 -40.03
N LYS B 59 19.16 5.79 -39.85
CA LYS B 59 19.60 4.93 -40.95
C LYS B 59 18.44 4.29 -41.70
N LYS B 60 17.30 4.15 -41.03
CA LYS B 60 16.13 3.54 -41.65
C LYS B 60 15.56 4.40 -42.77
N TYR B 61 15.75 5.72 -42.67
CA TYR B 61 15.18 6.65 -43.66
C TYR B 61 16.13 7.29 -44.65
N THR B 62 17.40 6.90 -44.63
CA THR B 62 18.38 7.48 -45.54
C THR B 62 18.70 6.52 -46.68
N LYS B 63 19.35 7.03 -47.72
CA LYS B 63 19.70 6.19 -48.85
C LYS B 63 21.19 5.92 -48.97
N SER B 64 21.90 6.72 -49.74
CA SER B 64 23.33 6.51 -49.96
C SER B 64 24.30 7.38 -49.15
N ILE B 65 23.80 8.33 -48.38
CA ILE B 65 24.70 9.20 -47.62
C ILE B 65 25.52 8.45 -46.56
N PHE B 66 26.82 8.75 -46.52
CA PHE B 66 27.80 8.16 -45.60
C PHE B 66 27.61 8.66 -44.17
N PHE B 67 27.42 7.75 -43.22
CA PHE B 67 27.25 8.11 -41.81
C PHE B 67 28.61 8.30 -41.12
N ASP B 68 28.95 9.55 -40.85
CA ASP B 68 30.22 9.93 -40.21
C ASP B 68 29.92 10.35 -38.77
N VAL B 69 30.21 9.45 -37.81
CA VAL B 69 29.91 9.71 -36.41
C VAL B 69 31.09 10.22 -35.58
N HIS B 70 30.94 11.42 -35.04
CA HIS B 70 31.98 12.02 -34.21
C HIS B 70 31.65 11.79 -32.74
N LEU B 71 32.40 10.89 -32.11
CA LEU B 71 32.19 10.55 -30.71
C LEU B 71 32.90 11.45 -29.71
N MET B 72 32.22 12.52 -29.28
CA MET B 72 32.78 13.41 -28.28
C MET B 72 32.22 12.90 -26.96
N VAL B 73 32.64 11.69 -26.60
CA VAL B 73 32.17 11.03 -25.39
C VAL B 73 33.28 10.27 -24.66
N GLU B 74 32.99 9.91 -23.40
CA GLU B 74 33.93 9.12 -22.61
C GLU B 74 33.53 7.68 -22.92
N TYR B 75 34.42 6.73 -22.66
CA TYR B 75 34.16 5.33 -22.93
C TYR B 75 33.72 5.10 -24.39
N PRO B 76 34.46 5.67 -25.36
CA PRO B 76 34.07 5.48 -26.76
C PRO B 76 33.95 4.04 -27.25
N GLU B 77 34.69 3.13 -26.61
CA GLU B 77 34.64 1.72 -27.02
C GLU B 77 33.25 1.11 -26.78
N LYS B 78 32.49 1.69 -25.86
CA LYS B 78 31.15 1.18 -25.57
C LYS B 78 30.16 1.46 -26.69
N TYR B 79 30.47 2.48 -27.51
CA TYR B 79 29.58 2.87 -28.60
C TYR B 79 29.77 2.07 -29.89
N VAL B 80 30.97 1.51 -30.07
CA VAL B 80 31.28 0.75 -31.28
C VAL B 80 30.29 -0.37 -31.62
N PRO B 81 29.97 -1.26 -30.66
CA PRO B 81 29.02 -2.33 -30.99
C PRO B 81 27.59 -1.84 -31.24
N LEU B 82 27.33 -0.58 -30.88
CA LEU B 82 26.00 -0.01 -31.04
C LEU B 82 25.84 0.78 -32.34
N LEU B 83 26.94 0.96 -33.06
CA LEU B 83 26.91 1.74 -34.30
C LEU B 83 27.42 0.97 -35.51
N LYS B 84 27.09 -0.31 -35.58
CA LYS B 84 27.53 -1.17 -36.68
C LYS B 84 27.00 -0.73 -38.05
N THR B 85 25.87 -0.05 -38.09
CA THR B 85 25.31 0.39 -39.36
C THR B 85 25.85 1.71 -39.89
N SER B 86 26.69 2.39 -39.11
CA SER B 86 27.28 3.64 -39.55
C SER B 86 28.46 3.35 -40.48
N ASN B 87 29.15 4.38 -40.94
CA ASN B 87 30.26 4.17 -41.86
C ASN B 87 31.64 4.49 -41.29
N GLN B 88 31.72 5.56 -40.50
CA GLN B 88 32.97 5.94 -39.86
C GLN B 88 32.69 6.35 -38.43
N LEU B 89 33.55 5.90 -37.51
CA LEU B 89 33.42 6.25 -36.11
C LEU B 89 34.71 6.97 -35.75
N THR B 90 34.59 8.22 -35.32
CA THR B 90 35.74 9.02 -34.95
C THR B 90 35.76 9.28 -33.45
N PHE B 91 36.78 8.77 -32.77
CA PHE B 91 36.88 8.98 -31.32
C PHE B 91 37.99 9.97 -31.01
N HIS B 92 38.01 10.46 -29.78
CA HIS B 92 39.01 11.43 -29.37
C HIS B 92 40.24 10.86 -28.69
N PHE B 93 41.38 11.42 -29.06
CA PHE B 93 42.67 11.04 -28.52
C PHE B 93 42.62 11.32 -27.01
N GLU B 94 42.02 12.46 -26.65
CA GLU B 94 41.90 12.85 -25.25
C GLU B 94 40.95 11.95 -24.44
N ALA B 95 40.02 11.30 -25.13
CA ALA B 95 39.05 10.44 -24.46
C ALA B 95 39.71 9.19 -23.90
N LEU B 96 40.87 8.83 -24.44
CA LEU B 96 41.62 7.68 -23.98
C LEU B 96 42.89 8.16 -23.27
N ASN B 97 42.77 9.34 -22.65
CA ASN B 97 43.84 9.98 -21.88
C ASN B 97 45.14 10.20 -22.66
N GLU B 98 45.05 10.15 -23.99
CA GLU B 98 46.18 10.37 -24.88
C GLU B 98 47.22 9.27 -24.96
N ASP B 99 46.85 8.02 -24.67
CA ASP B 99 47.84 6.95 -24.76
C ASP B 99 47.65 6.22 -26.08
N THR B 100 48.75 6.12 -26.82
CA THR B 100 48.77 5.50 -28.14
C THR B 100 48.30 4.06 -28.29
N GLU B 101 48.77 3.18 -27.42
CA GLU B 101 48.39 1.77 -27.50
C GLU B 101 46.89 1.49 -27.38
N ARG B 102 46.21 2.18 -26.47
CA ARG B 102 44.78 1.97 -26.31
C ARG B 102 44.03 2.52 -27.51
N CYS B 103 44.51 3.63 -28.07
CA CYS B 103 43.89 4.21 -29.25
C CYS B 103 44.02 3.24 -30.42
N ILE B 104 45.20 2.65 -30.56
CA ILE B 104 45.45 1.70 -31.64
C ILE B 104 44.55 0.47 -31.46
N GLN B 105 44.31 0.10 -30.21
CA GLN B 105 43.48 -1.05 -29.91
C GLN B 105 42.02 -0.80 -30.30
N LEU B 106 41.53 0.39 -30.00
CA LEU B 106 40.15 0.75 -30.32
C LEU B 106 40.00 0.81 -31.84
N ALA B 107 40.96 1.46 -32.49
CA ALA B 107 40.95 1.59 -33.94
C ALA B 107 40.77 0.22 -34.59
N LYS B 108 41.51 -0.77 -34.10
CA LYS B 108 41.43 -2.13 -34.63
C LYS B 108 40.03 -2.69 -34.47
N GLU B 109 39.41 -2.40 -33.33
CA GLU B 109 38.06 -2.87 -33.06
C GLU B 109 37.12 -2.30 -34.11
N ILE B 110 37.26 -0.99 -34.36
CA ILE B 110 36.43 -0.31 -35.34
C ILE B 110 36.65 -0.86 -36.75
N ARG B 111 37.90 -0.98 -37.18
CA ARG B 111 38.19 -1.50 -38.52
C ARG B 111 37.73 -2.96 -38.63
N ASP B 112 37.78 -3.71 -37.52
CA ASP B 112 37.35 -5.10 -37.53
C ASP B 112 35.85 -5.23 -37.78
N ASN B 113 35.11 -4.14 -37.54
CA ASN B 113 33.67 -4.14 -37.75
C ASN B 113 33.37 -3.67 -39.18
N ASN B 114 34.42 -3.51 -39.96
CA ASN B 114 34.30 -3.07 -41.34
C ASN B 114 33.85 -1.61 -41.44
N LEU B 115 34.31 -0.80 -40.51
CA LEU B 115 33.97 0.63 -40.51
C LEU B 115 35.25 1.45 -40.59
N TRP B 116 35.15 2.64 -41.18
CA TRP B 116 36.30 3.53 -41.27
C TRP B 116 36.55 4.03 -39.85
N CYS B 117 37.80 4.35 -39.54
CA CYS B 117 38.11 4.85 -38.20
C CYS B 117 38.77 6.21 -38.28
N GLY B 118 38.30 7.11 -37.44
CA GLY B 118 38.87 8.44 -37.41
C GLY B 118 39.29 8.75 -35.98
N ILE B 119 40.20 9.69 -35.82
CA ILE B 119 40.64 10.08 -34.49
C ILE B 119 40.69 11.60 -34.51
N SER B 120 40.19 12.21 -33.46
CA SER B 120 40.16 13.67 -33.37
C SER B 120 41.03 14.24 -32.26
N ILE B 121 41.44 15.49 -32.44
CA ILE B 121 42.25 16.19 -31.44
C ILE B 121 41.71 17.59 -31.20
N LYS B 122 41.60 17.96 -29.94
CA LYS B 122 41.10 19.27 -29.56
C LYS B 122 42.20 20.30 -29.85
N PRO B 123 41.83 21.59 -29.90
CA PRO B 123 42.78 22.68 -30.18
C PRO B 123 44.10 22.66 -29.41
N LYS B 124 44.04 22.41 -28.10
CA LYS B 124 45.24 22.41 -27.28
C LYS B 124 46.08 21.14 -27.35
N THR B 125 45.66 20.16 -28.13
CA THR B 125 46.41 18.92 -28.26
C THR B 125 47.40 18.97 -29.41
N ASP B 126 48.62 18.47 -29.17
CA ASP B 126 49.70 18.44 -30.15
C ASP B 126 49.49 17.34 -31.20
N VAL B 127 49.54 17.71 -32.48
CA VAL B 127 49.34 16.77 -33.58
C VAL B 127 50.40 15.68 -33.60
N GLN B 128 51.63 16.04 -33.24
CA GLN B 128 52.72 15.09 -33.25
C GLN B 128 52.51 13.87 -32.34
N LYS B 129 51.60 14.00 -31.38
CA LYS B 129 51.33 12.88 -30.48
C LYS B 129 50.58 11.77 -31.20
N LEU B 130 49.96 12.10 -32.32
CA LEU B 130 49.21 11.11 -33.11
C LEU B 130 50.09 10.25 -34.01
N VAL B 131 51.30 10.73 -34.30
CA VAL B 131 52.20 10.01 -35.18
C VAL B 131 52.31 8.50 -34.95
N PRO B 132 52.51 8.08 -33.69
CA PRO B 132 52.62 6.64 -33.44
C PRO B 132 51.37 5.88 -33.86
N ILE B 133 50.20 6.51 -33.71
CA ILE B 133 48.95 5.87 -34.07
C ILE B 133 48.76 5.88 -35.59
N LEU B 134 49.04 7.02 -36.21
CA LEU B 134 48.88 7.18 -37.65
C LEU B 134 49.79 6.30 -38.49
N ASP B 135 50.95 5.92 -37.94
CA ASP B 135 51.88 5.07 -38.69
C ASP B 135 51.41 3.64 -38.82
N THR B 136 50.39 3.27 -38.06
CA THR B 136 49.84 1.92 -38.09
C THR B 136 48.93 1.71 -39.30
N ASN B 137 48.54 2.81 -39.94
CA ASN B 137 47.66 2.78 -41.10
C ASN B 137 46.26 2.26 -40.77
N LEU B 138 45.86 2.35 -39.51
CA LEU B 138 44.53 1.91 -39.11
C LEU B 138 43.57 3.10 -39.14
N ILE B 139 44.12 4.30 -39.14
CA ILE B 139 43.33 5.53 -39.16
C ILE B 139 43.01 6.01 -40.58
N ASN B 140 41.72 6.13 -40.87
CA ASN B 140 41.27 6.61 -42.18
C ASN B 140 41.21 8.12 -42.24
N THR B 141 40.84 8.72 -41.10
CA THR B 141 40.69 10.16 -41.03
C THR B 141 41.17 10.75 -39.71
N VAL B 142 41.68 11.97 -39.77
CA VAL B 142 42.11 12.68 -38.59
C VAL B 142 41.26 13.95 -38.56
N LEU B 143 40.44 14.08 -37.53
CA LEU B 143 39.58 15.25 -37.40
C LEU B 143 40.27 16.31 -36.56
N VAL B 144 40.72 17.38 -37.21
CA VAL B 144 41.38 18.48 -36.54
C VAL B 144 40.34 19.53 -36.14
N MET B 145 40.03 19.59 -34.85
CA MET B 145 39.06 20.56 -34.36
C MET B 145 39.61 21.95 -34.59
N THR B 146 38.80 22.83 -35.16
CA THR B 146 39.23 24.20 -35.41
C THR B 146 38.49 25.12 -34.48
N VAL B 147 37.96 24.54 -33.41
CA VAL B 147 37.23 25.25 -32.38
C VAL B 147 37.14 24.32 -31.18
N GLU B 148 36.87 24.86 -30.00
CA GLU B 148 36.74 24.03 -28.81
C GLU B 148 35.44 23.25 -28.98
N PRO B 149 35.52 21.91 -29.06
CA PRO B 149 34.33 21.08 -29.23
C PRO B 149 33.23 21.25 -28.18
N GLY B 150 31.99 21.12 -28.64
CA GLY B 150 30.86 21.26 -27.74
C GLY B 150 29.70 21.98 -28.39
N PHE B 151 29.98 23.10 -29.04
CA PHE B 151 28.92 23.88 -29.68
C PHE B 151 29.32 24.36 -31.07
N GLY B 152 28.31 24.68 -31.87
CA GLY B 152 28.56 25.19 -33.21
C GLY B 152 28.46 26.70 -33.13
N GLY B 153 28.66 27.39 -34.25
CA GLY B 153 28.56 28.84 -34.24
C GLY B 153 29.77 29.60 -33.72
N GLN B 154 30.83 28.87 -33.37
CA GLN B 154 32.04 29.53 -32.88
C GLN B 154 32.96 29.92 -34.05
N SER B 155 33.93 30.78 -33.77
CA SER B 155 34.85 31.24 -34.81
C SER B 155 36.04 30.33 -35.12
N PHE B 156 36.28 30.15 -36.41
CA PHE B 156 37.37 29.33 -36.93
C PHE B 156 38.73 29.77 -36.36
N MET B 157 39.53 28.81 -35.91
CA MET B 157 40.85 29.10 -35.35
C MET B 157 41.92 28.92 -36.42
N HIS B 158 42.34 30.02 -37.05
CA HIS B 158 43.34 29.98 -38.11
C HIS B 158 44.65 29.35 -37.61
N ASP B 159 44.93 29.50 -36.33
CA ASP B 159 46.16 28.95 -35.74
C ASP B 159 46.23 27.43 -35.73
N MET B 160 45.14 26.77 -36.14
CA MET B 160 45.10 25.31 -36.16
C MET B 160 45.60 24.76 -37.50
N MET B 161 45.72 25.64 -38.49
CA MET B 161 46.16 25.22 -39.81
C MET B 161 47.53 24.57 -39.82
N GLY B 162 48.35 24.90 -38.82
CA GLY B 162 49.67 24.30 -38.73
C GLY B 162 49.56 22.80 -38.61
N LYS B 163 48.53 22.34 -37.91
CA LYS B 163 48.31 20.90 -37.74
C LYS B 163 47.95 20.26 -39.08
N VAL B 164 47.11 20.91 -39.85
CA VAL B 164 46.69 20.38 -41.14
C VAL B 164 47.88 20.21 -42.08
N SER B 165 48.71 21.24 -42.19
CA SER B 165 49.89 21.18 -43.05
C SER B 165 50.82 20.03 -42.64
N PHE B 166 51.00 19.85 -41.34
CA PHE B 166 51.86 18.79 -40.83
C PHE B 166 51.37 17.41 -41.27
N LEU B 167 50.09 17.16 -41.05
CA LEU B 167 49.47 15.89 -41.41
C LEU B 167 49.50 15.61 -42.91
N ARG B 168 49.21 16.63 -43.70
CA ARG B 168 49.19 16.48 -45.16
C ARG B 168 50.59 16.21 -45.72
N LYS B 169 51.58 16.92 -45.19
CA LYS B 169 52.96 16.76 -45.65
C LYS B 169 53.50 15.37 -45.30
N LYS B 170 53.15 14.87 -44.11
CA LYS B 170 53.63 13.57 -43.64
C LYS B 170 52.83 12.37 -44.16
N TYR B 171 51.53 12.53 -44.28
CA TYR B 171 50.68 11.44 -44.77
C TYR B 171 49.90 11.93 -45.99
N LYS B 172 50.31 11.45 -47.16
CA LYS B 172 49.71 11.83 -48.44
C LYS B 172 48.29 11.33 -48.69
N ASN B 173 47.99 10.10 -48.26
CA ASN B 173 46.66 9.52 -48.49
C ASN B 173 45.72 9.60 -47.29
N LEU B 174 46.12 10.32 -46.25
CA LEU B 174 45.29 10.44 -45.06
C LEU B 174 44.19 11.47 -45.23
N ASN B 175 42.97 11.10 -44.88
CA ASN B 175 41.85 12.03 -44.97
C ASN B 175 42.03 13.01 -43.82
N ILE B 176 42.03 14.31 -44.14
CA ILE B 176 42.16 15.33 -43.12
C ILE B 176 40.86 16.10 -43.08
N GLN B 177 40.20 16.05 -41.92
CA GLN B 177 38.91 16.70 -41.72
C GLN B 177 38.97 17.85 -40.73
N VAL B 178 38.34 18.98 -41.08
CA VAL B 178 38.30 20.14 -40.21
C VAL B 178 36.86 20.32 -39.72
N ASP B 179 36.72 20.83 -38.50
CA ASP B 179 35.41 20.97 -37.88
C ASP B 179 35.34 22.15 -36.92
N GLY B 180 34.49 23.12 -37.23
CA GLY B 180 34.34 24.29 -36.37
C GLY B 180 34.54 25.62 -37.07
N GLY B 181 33.45 26.36 -37.27
CA GLY B 181 33.51 27.65 -37.92
C GLY B 181 33.82 27.62 -39.41
N LEU B 182 33.59 26.48 -40.05
CA LEU B 182 33.85 26.36 -41.49
C LEU B 182 32.80 27.06 -42.34
N ASN B 183 33.25 27.90 -43.25
CA ASN B 183 32.37 28.60 -44.18
C ASN B 183 33.14 28.67 -45.49
N ILE B 184 32.61 29.38 -46.49
CA ILE B 184 33.30 29.46 -47.77
C ILE B 184 34.75 29.93 -47.60
N GLU B 185 34.94 31.02 -46.87
CA GLU B 185 36.28 31.58 -46.64
C GLU B 185 37.24 30.64 -45.93
N THR B 186 36.81 30.12 -44.78
CA THR B 186 37.68 29.24 -44.01
C THR B 186 37.87 27.86 -44.65
N THR B 187 36.99 27.48 -45.57
CA THR B 187 37.15 26.20 -46.25
C THR B 187 38.32 26.34 -47.22
N GLU B 188 38.39 27.48 -47.91
CA GLU B 188 39.47 27.75 -48.85
C GLU B 188 40.79 27.70 -48.07
N ILE B 189 40.80 28.35 -46.92
CA ILE B 189 41.97 28.38 -46.06
C ILE B 189 42.37 26.97 -45.64
N SER B 190 41.41 26.20 -45.14
CA SER B 190 41.68 24.82 -44.70
C SER B 190 42.16 23.93 -45.83
N ALA B 191 41.56 24.09 -47.01
CA ALA B 191 41.93 23.30 -48.16
C ALA B 191 43.37 23.57 -48.60
N SER B 192 43.75 24.84 -48.59
CA SER B 192 45.10 25.23 -49.00
C SER B 192 46.16 24.63 -48.10
N HIS B 193 45.75 24.18 -46.91
CA HIS B 193 46.70 23.58 -45.97
C HIS B 193 46.71 22.06 -46.06
N GLY B 194 45.74 21.50 -46.79
CA GLY B 194 45.71 20.05 -46.94
C GLY B 194 44.42 19.31 -46.62
N ALA B 195 43.45 20.00 -46.02
CA ALA B 195 42.18 19.35 -45.68
C ALA B 195 41.38 18.95 -46.92
N ASN B 196 40.74 17.79 -46.87
CA ASN B 196 39.92 17.33 -47.99
C ASN B 196 38.47 17.01 -47.58
N ILE B 197 38.21 17.01 -46.27
CA ILE B 197 36.86 16.75 -45.76
C ILE B 197 36.43 17.95 -44.93
N ILE B 198 35.32 18.58 -45.32
CA ILE B 198 34.84 19.76 -44.65
C ILE B 198 33.54 19.56 -43.87
N VAL B 199 33.60 19.78 -42.56
CA VAL B 199 32.42 19.66 -41.72
C VAL B 199 31.97 21.09 -41.47
N ALA B 200 30.72 21.38 -41.83
CA ALA B 200 30.17 22.71 -41.65
C ALA B 200 28.73 22.60 -41.18
N GLY B 201 28.36 23.45 -40.22
CA GLY B 201 27.02 23.41 -39.70
C GLY B 201 26.21 24.65 -40.08
N THR B 202 26.42 25.71 -39.32
CA THR B 202 25.71 26.97 -39.54
C THR B 202 25.81 27.53 -40.96
N SER B 203 27.01 27.50 -41.54
CA SER B 203 27.21 28.04 -42.88
C SER B 203 26.39 27.37 -43.97
N ILE B 204 25.95 26.13 -43.71
CA ILE B 204 25.15 25.39 -44.67
C ILE B 204 23.67 25.37 -44.31
N PHE B 205 23.34 24.91 -43.11
CA PHE B 205 21.94 24.84 -42.71
C PHE B 205 21.23 26.18 -42.58
N ASN B 206 21.97 27.26 -42.40
CA ASN B 206 21.34 28.57 -42.30
C ASN B 206 21.55 29.44 -43.55
N ALA B 207 22.13 28.85 -44.59
CA ALA B 207 22.35 29.58 -45.84
C ALA B 207 21.04 29.63 -46.61
N GLU B 208 20.85 30.69 -47.38
CA GLU B 208 19.64 30.82 -48.17
C GLU B 208 19.64 29.78 -49.30
N ASP B 209 20.82 29.40 -49.76
CA ASP B 209 20.98 28.41 -50.83
C ASP B 209 22.10 27.46 -50.45
N PRO B 210 21.77 26.42 -49.66
CA PRO B 210 22.76 25.42 -49.20
C PRO B 210 23.56 24.75 -50.32
N LYS B 211 22.88 24.42 -51.43
CA LYS B 211 23.54 23.77 -52.56
C LYS B 211 24.75 24.59 -53.02
N TYR B 212 24.54 25.90 -53.18
CA TYR B 212 25.62 26.79 -53.60
C TYR B 212 26.81 26.74 -52.64
N VAL B 213 26.53 26.84 -51.35
CA VAL B 213 27.58 26.81 -50.34
C VAL B 213 28.34 25.50 -50.42
N ILE B 214 27.61 24.39 -50.44
CA ILE B 214 28.21 23.06 -50.54
C ILE B 214 29.09 22.93 -51.79
N ASP B 215 28.55 23.29 -52.95
CA ASP B 215 29.31 23.19 -54.19
C ASP B 215 30.54 24.11 -54.21
N THR B 216 30.40 25.32 -53.70
CA THR B 216 31.51 26.26 -53.69
C THR B 216 32.64 25.76 -52.80
N MET B 217 32.28 25.13 -51.69
CA MET B 217 33.25 24.58 -50.77
C MET B 217 34.00 23.42 -51.43
N ARG B 218 33.25 22.50 -52.02
CA ARG B 218 33.85 21.34 -52.67
C ARG B 218 34.83 21.77 -53.76
N VAL B 219 34.44 22.75 -54.57
CA VAL B 219 35.31 23.22 -55.64
C VAL B 219 36.65 23.72 -55.08
N SER B 220 36.60 24.52 -54.01
CA SER B 220 37.83 25.04 -53.41
C SER B 220 38.73 23.92 -52.88
N VAL B 221 38.13 22.80 -52.50
CA VAL B 221 38.89 21.66 -52.00
C VAL B 221 39.47 20.88 -53.18
N GLN B 222 38.64 20.66 -54.19
CA GLN B 222 39.07 19.92 -55.38
C GLN B 222 40.24 20.61 -56.07
N LYS B 223 40.32 21.92 -55.93
CA LYS B 223 41.41 22.69 -56.55
C LYS B 223 42.77 22.40 -55.93
N TYR B 224 42.79 21.83 -54.73
CA TYR B 224 44.03 21.50 -54.06
C TYR B 224 44.30 19.99 -54.07
S SO4 C . -26.31 -6.50 39.07
O1 SO4 C . -26.97 -7.51 39.92
O2 SO4 C . -26.86 -6.57 37.71
O3 SO4 C . -26.56 -5.17 39.62
O4 SO4 C . -24.85 -6.77 39.05
ZN ZN D . -30.54 -13.54 36.12
S SO4 E . 29.90 25.20 -36.94
O1 SO4 E . 30.82 24.83 -35.85
O2 SO4 E . 28.52 25.34 -36.45
O3 SO4 E . 30.34 26.48 -37.53
O4 SO4 E . 29.95 24.14 -37.97
ZN ZN F . 32.08 16.94 -35.18
#